data_5V8K
#
_entry.id   5V8K
#
_cell.length_a   131.358
_cell.length_b   89.714
_cell.length_c   111.637
_cell.angle_alpha   90.00
_cell.angle_beta   108.15
_cell.angle_gamma   90.00
#
_symmetry.space_group_name_H-M   'C 1 2 1'
#
loop_
_entity.id
_entity.type
_entity.pdbx_description
1 polymer 'p800 reaction center core protein'
2 polymer 'proteinsubunit pshX'
3 non-polymer "Bacteriochlorophyll g'"
4 non-polymer 'Bacteriochlorophyll g'
5 non-polymer '8(1)-OH-Chlorophyll aF'
6 non-polymer 'IRON/SULFUR CLUSTER'
7 non-polymer 1-[GLYCEROLYLPHOSPHONYL]-2-[8-(2-HEXYL-CYCLOPROPYL)-OCTANAL-1-YL]-3-[HEXADECANAL-1-YL]-GLYCEROL
8 non-polymer 'CALCIUM ION'
9 non-polymer DODECYL-BETA-D-MALTOSIDE
10 non-polymer "4,4'-Diaponeurosporene"
11 water water
#
loop_
_entity_poly.entity_id
_entity_poly.type
_entity_poly.pdbx_seq_one_letter_code
_entity_poly.pdbx_strand_id
1 'polypeptide(L)'
;NPRAQVFEYFKLKVPATRGAVLKAHINHLGNVAAMVSFILVHHLSWDPATQGVLWAPATMFYARLYQLGLDAVALSPDAL
FVARMHLLAAIILWGFGHVKSPAEEKFLEKVTMGKALVAQFHFFALIATLWGLHMAFYGILGPSGKLEPTGLSFDMFGPI
TPATMAGNHVAFGAVFFLGGIFHYFAGFNTKRFAFFEKDWEAVLSVSCQILAFHFATVVFAMIIWQHPQLGFGFMREYAV
SQYAGPELKMIAQSNPGLLVKQAILGHLVMGIMFWIGGVFHGAHFMLRVLNDPKLAEEMKDFKFIKRCYDHEFQKKFLAL
IMFGAFLPIFVSYGIATHNTIADIHAASKTGLFAHMTYINIGTPLHDAIFGSKGSISEFVAAHAIAGGLHFTMVPMWRMV
FFSKVSPWTTKVGMKAKRDGEFPCLGPAYGGTCSISLVDQFYLAIFFSLQVIAPAWFYIDGCWMGSFVAVAAPYNDIYQA
ALATFNSHNPLHQLSPLTNMGYFSYIIQQTTAMFSRYDGHMIQALLGAHFIWAFTFSMLFQYRGSRDEGAMVLKWAHQQV
GVGFAGKMYNRALSLKEGKAIGCFLFFKMTIVCMWALAMV
;
A
2 'polypeptide(L)' YSPTFNVAHILAFFFLFLHIPFYFV B
#
# COMPACT_ATOMS: atom_id res chain seq x y z
N ASN A 1 3.54 -28.34 7.39
CA ASN A 1 4.64 -28.74 6.53
C ASN A 1 4.74 -27.73 5.41
N PRO A 2 5.08 -26.50 5.78
CA PRO A 2 5.05 -25.39 4.84
C PRO A 2 5.82 -25.63 3.56
N ARG A 3 6.93 -26.39 3.62
CA ARG A 3 7.74 -26.59 2.43
C ARG A 3 6.96 -27.30 1.35
N ALA A 4 5.95 -28.08 1.73
CA ALA A 4 5.10 -28.74 0.76
C ALA A 4 3.95 -27.86 0.29
N GLN A 5 3.78 -26.68 0.87
CA GLN A 5 2.56 -25.90 0.67
C GLN A 5 2.84 -24.56 0.03
N VAL A 6 4.04 -24.38 -0.54
CA VAL A 6 4.40 -23.15 -1.22
C VAL A 6 4.81 -23.50 -2.65
N PHE A 7 4.87 -22.46 -3.47
CA PHE A 7 5.34 -22.65 -4.83
C PHE A 7 6.80 -23.10 -4.83
N GLU A 8 7.16 -23.78 -5.92
CA GLU A 8 8.42 -24.50 -6.01
C GLU A 8 9.60 -23.63 -5.61
N TYR A 9 9.65 -22.42 -6.15
CA TYR A 9 10.78 -21.53 -5.92
C TYR A 9 11.02 -21.21 -4.45
N PHE A 10 9.99 -21.33 -3.62
CA PHE A 10 10.08 -20.94 -2.23
C PHE A 10 10.21 -22.13 -1.26
N LYS A 11 10.19 -23.37 -1.75
CA LYS A 11 10.26 -24.51 -0.84
C LYS A 11 11.55 -24.50 -0.03
N LEU A 12 12.67 -24.14 -0.65
CA LEU A 12 13.97 -24.03 -0.02
C LEU A 12 14.21 -22.70 0.71
N LYS A 13 13.23 -21.81 0.77
CA LYS A 13 13.40 -20.51 1.39
C LYS A 13 12.39 -20.19 2.48
N VAL A 14 11.29 -20.92 2.56
CA VAL A 14 10.24 -20.62 3.53
C VAL A 14 10.64 -21.19 4.89
N PRO A 15 10.47 -20.46 6.00
CA PRO A 15 10.68 -21.08 7.32
C PRO A 15 9.91 -22.37 7.45
N ALA A 16 10.61 -23.48 7.71
CA ALA A 16 10.07 -24.82 7.55
C ALA A 16 9.61 -25.49 8.85
N THR A 17 9.80 -24.83 10.00
CA THR A 17 9.43 -25.42 11.28
C THR A 17 8.81 -24.35 12.17
N ARG A 18 8.09 -24.79 13.20
CA ARG A 18 7.59 -23.87 14.22
C ARG A 18 8.70 -22.94 14.68
N GLY A 19 9.84 -23.51 15.07
CA GLY A 19 10.91 -22.69 15.61
C GLY A 19 11.40 -21.67 14.61
N ALA A 20 11.62 -22.09 13.36
CA ALA A 20 12.12 -21.18 12.34
C ALA A 20 11.14 -20.04 12.07
N VAL A 21 9.84 -20.32 12.15
CA VAL A 21 8.85 -19.27 11.94
C VAL A 21 8.95 -18.23 13.04
N LEU A 22 9.02 -18.69 14.29
CA LEU A 22 9.19 -17.77 15.41
C LEU A 22 10.45 -16.94 15.24
N LYS A 23 11.55 -17.55 14.82
CA LYS A 23 12.78 -16.79 14.60
C LYS A 23 12.60 -15.74 13.53
N ALA A 24 11.86 -16.07 12.46
CA ALA A 24 11.59 -15.09 11.43
C ALA A 24 10.79 -13.93 11.99
N HIS A 25 9.81 -14.22 12.86
CA HIS A 25 9.03 -13.16 13.48
C HIS A 25 9.91 -12.26 14.36
N ILE A 26 10.78 -12.88 15.17
CA ILE A 26 11.73 -12.11 15.98
C ILE A 26 12.57 -11.21 15.07
N ASN A 27 13.14 -11.77 14.00
CA ASN A 27 14.00 -10.97 13.14
C ASN A 27 13.20 -9.87 12.47
N HIS A 28 11.92 -10.12 12.20
CA HIS A 28 11.11 -9.04 11.65
C HIS A 28 10.95 -7.90 12.65
N LEU A 29 10.78 -8.22 13.94
CA LEU A 29 10.77 -7.16 14.96
C LEU A 29 12.10 -6.39 14.97
N GLY A 30 13.22 -7.11 14.85
CA GLY A 30 14.50 -6.44 14.65
C GLY A 30 14.52 -5.48 13.48
N ASN A 31 13.87 -5.84 12.38
CA ASN A 31 13.81 -4.95 11.23
C ASN A 31 13.04 -3.68 11.56
N VAL A 32 11.94 -3.83 12.30
CA VAL A 32 11.11 -2.69 12.66
C VAL A 32 11.92 -1.73 13.51
N ALA A 33 12.48 -2.23 14.61
CA ALA A 33 13.29 -1.36 15.45
C ALA A 33 14.45 -0.75 14.67
N ALA A 34 15.06 -1.50 13.75
CA ALA A 34 16.23 -1.00 13.05
C ALA A 34 15.88 0.16 12.10
N MET A 35 14.73 0.06 11.43
CA MET A 35 14.33 1.14 10.53
C MET A 35 14.13 2.44 11.30
N VAL A 36 13.51 2.35 12.48
CA VAL A 36 13.34 3.53 13.33
C VAL A 36 14.70 4.14 13.68
N SER A 37 15.67 3.31 14.07
CA SER A 37 16.98 3.84 14.46
C SER A 37 17.70 4.45 13.26
N PHE A 38 17.59 3.81 12.08
CA PHE A 38 18.27 4.32 10.90
C PHE A 38 17.72 5.68 10.49
N ILE A 39 16.39 5.79 10.44
CA ILE A 39 15.76 6.94 9.79
C ILE A 39 15.72 8.18 10.68
N LEU A 40 15.96 8.04 11.99
CA LEU A 40 16.16 9.22 12.84
C LEU A 40 17.55 9.84 12.70
N VAL A 41 18.48 9.16 12.04
CA VAL A 41 19.89 9.55 12.01
C VAL A 41 20.37 9.83 10.60
N HIS A 42 19.99 9.01 9.62
CA HIS A 42 20.45 9.13 8.25
C HIS A 42 19.29 9.53 7.34
N HIS A 43 19.63 10.00 6.14
CA HIS A 43 18.63 10.42 5.18
C HIS A 43 17.72 11.53 5.72
N LEU A 44 18.30 12.49 6.42
CA LEU A 44 17.57 13.65 6.90
C LEU A 44 17.60 14.78 5.87
N SER A 45 18.81 15.11 5.41
CA SER A 45 19.10 16.15 4.44
C SER A 45 20.61 16.13 4.20
N TRP A 46 21.12 16.94 3.28
CA TRP A 46 22.56 17.01 3.07
C TRP A 46 23.26 17.66 4.26
N ASP A 47 22.60 18.59 4.94
CA ASP A 47 23.22 19.32 6.05
C ASP A 47 22.17 19.66 7.07
N PRO A 48 21.91 18.72 8.00
CA PRO A 48 20.79 18.93 8.91
C PRO A 48 20.91 20.15 9.81
N ALA A 49 22.11 20.62 10.16
CA ALA A 49 22.21 21.75 11.07
C ALA A 49 21.55 22.98 10.48
N THR A 50 21.56 23.10 9.16
CA THR A 50 20.95 24.23 8.49
C THR A 50 19.68 23.87 7.74
N GLN A 51 19.53 22.64 7.26
CA GLN A 51 18.38 22.30 6.44
C GLN A 51 17.27 21.59 7.19
N GLY A 52 17.54 21.12 8.40
CA GLY A 52 16.55 20.40 9.18
C GLY A 52 16.37 19.00 8.60
N VAL A 53 15.20 18.42 8.83
CA VAL A 53 14.80 17.15 8.24
C VAL A 53 13.93 17.48 7.02
N LEU A 54 14.44 17.17 5.84
CA LEU A 54 13.77 17.51 4.58
C LEU A 54 13.27 16.31 3.79
N TRP A 55 13.77 15.11 4.05
CA TRP A 55 13.59 14.02 3.11
C TRP A 55 12.57 13.05 3.67
N ALA A 56 11.92 12.36 2.75
CA ALA A 56 10.91 11.38 3.09
C ALA A 56 11.64 10.11 3.44
N PRO A 57 10.91 9.22 4.08
CA PRO A 57 10.31 8.90 5.37
C PRO A 57 10.80 9.68 6.59
N ALA A 58 12.00 10.29 6.65
CA ALA A 58 12.47 10.83 7.93
C ALA A 58 11.52 11.89 8.47
N THR A 59 10.95 12.72 7.60
CA THR A 59 10.05 13.77 8.03
C THR A 59 8.89 13.24 8.86
N MET A 60 8.35 12.08 8.48
CA MET A 60 7.19 11.57 9.19
C MET A 60 7.57 11.12 10.60
N PHE A 61 8.76 10.53 10.72
CA PHE A 61 9.21 10.03 12.02
C PHE A 61 9.61 11.17 12.95
N TYR A 62 10.13 12.26 12.39
CA TYR A 62 10.41 13.43 13.21
C TYR A 62 9.12 14.14 13.60
N ALA A 63 8.10 14.11 12.71
CA ALA A 63 6.79 14.60 13.11
C ALA A 63 6.26 13.82 14.30
N ARG A 64 6.56 12.53 14.39
CA ARG A 64 6.18 11.77 15.57
C ARG A 64 6.92 12.26 16.82
N LEU A 65 8.22 12.54 16.71
CA LEU A 65 8.96 13.03 17.87
C LEU A 65 8.30 14.29 18.39
N TYR A 66 7.95 15.18 17.46
CA TYR A 66 7.24 16.41 17.78
C TYR A 66 5.96 16.14 18.55
N GLN A 67 5.14 15.22 18.05
CA GLN A 67 3.88 14.91 18.72
C GLN A 67 4.11 14.32 20.10
N LEU A 68 5.23 13.63 20.31
CA LEU A 68 5.51 13.08 21.63
C LEU A 68 5.97 14.14 22.63
N GLY A 69 6.11 15.39 22.21
CA GLY A 69 6.61 16.41 23.11
C GLY A 69 8.12 16.43 23.28
N LEU A 70 8.85 15.76 22.41
CA LEU A 70 10.30 15.73 22.46
C LEU A 70 10.90 16.82 21.57
N ASP A 71 12.18 17.09 21.76
CA ASP A 71 12.92 18.01 20.90
C ASP A 71 13.03 17.36 19.53
N ALA A 72 12.28 17.88 18.56
CA ALA A 72 12.26 17.29 17.22
C ALA A 72 13.20 18.01 16.27
N VAL A 73 14.21 18.71 16.79
CA VAL A 73 15.30 19.19 15.95
C VAL A 73 16.06 18.01 15.37
N ALA A 74 16.50 18.15 14.13
CA ALA A 74 17.32 17.12 13.51
C ALA A 74 18.48 16.76 14.42
N LEU A 75 18.64 15.45 14.64
CA LEU A 75 19.76 14.90 15.39
C LEU A 75 19.82 15.46 16.81
N SER A 76 18.68 15.80 17.42
CA SER A 76 18.70 16.31 18.79
C SER A 76 19.10 15.21 19.76
N PRO A 77 19.45 15.59 21.00
CA PRO A 77 19.74 14.54 22.01
C PRO A 77 18.57 13.60 22.20
N ASP A 78 17.31 14.07 22.15
CA ASP A 78 16.18 13.16 22.25
C ASP A 78 16.15 12.19 21.07
N ALA A 79 16.29 12.71 19.85
CA ALA A 79 16.24 11.88 18.66
C ALA A 79 17.33 10.81 18.69
N LEU A 80 18.55 11.20 19.09
CA LEU A 80 19.65 10.24 19.15
C LEU A 80 19.42 9.20 20.23
N PHE A 81 18.95 9.61 21.41
CA PHE A 81 18.67 8.61 22.43
C PHE A 81 17.63 7.62 21.94
N VAL A 82 16.56 8.11 21.32
CA VAL A 82 15.55 7.19 20.77
C VAL A 82 16.17 6.30 19.71
N ALA A 83 16.97 6.86 18.81
CA ALA A 83 17.51 6.05 17.72
C ALA A 83 18.45 4.97 18.25
N ARG A 84 19.28 5.31 19.24
CA ARG A 84 20.28 4.37 19.75
C ARG A 84 19.65 3.28 20.58
N MET A 85 18.59 3.59 21.32
CA MET A 85 17.90 2.52 22.04
C MET A 85 17.19 1.57 21.09
N HIS A 86 16.64 2.06 19.98
CA HIS A 86 16.01 1.15 19.04
C HIS A 86 17.02 0.30 18.30
N LEU A 87 18.22 0.83 18.08
CA LEU A 87 19.29 0.04 17.50
C LEU A 87 19.70 -1.07 18.45
N LEU A 88 19.89 -0.73 19.73
CA LEU A 88 20.16 -1.75 20.74
C LEU A 88 19.12 -2.86 20.68
N ALA A 89 17.83 -2.47 20.67
CA ALA A 89 16.74 -3.45 20.57
C ALA A 89 16.86 -4.29 19.31
N ALA A 90 17.18 -3.65 18.18
CA ALA A 90 17.33 -4.41 16.93
C ALA A 90 18.44 -5.45 17.04
N ILE A 91 19.58 -5.07 17.62
CA ILE A 91 20.70 -6.00 17.69
C ILE A 91 20.36 -7.16 18.62
N ILE A 92 19.66 -6.88 19.73
CA ILE A 92 19.26 -7.94 20.66
C ILE A 92 18.28 -8.89 19.99
N LEU A 93 17.31 -8.34 19.24
CA LEU A 93 16.31 -9.16 18.56
C LEU A 93 16.94 -9.98 17.44
N TRP A 94 17.79 -9.36 16.61
CA TRP A 94 18.45 -10.13 15.57
C TRP A 94 19.41 -11.15 16.16
N GLY A 95 20.02 -10.83 17.30
CA GLY A 95 20.91 -11.75 17.98
C GLY A 95 20.15 -13.01 18.31
N PHE A 96 19.09 -12.86 19.10
CA PHE A 96 18.25 -13.99 19.45
C PHE A 96 17.66 -14.65 18.20
N GLY A 97 17.36 -13.84 17.17
CA GLY A 97 16.71 -14.36 15.97
C GLY A 97 17.59 -15.25 15.12
N HIS A 98 18.91 -15.22 15.31
CA HIS A 98 19.82 -16.00 14.50
C HIS A 98 20.56 -17.07 15.30
N VAL A 99 20.09 -17.40 16.50
CA VAL A 99 20.58 -18.55 17.26
C VAL A 99 19.42 -19.52 17.46
N LYS A 100 19.75 -20.79 17.54
CA LYS A 100 18.76 -21.82 17.73
C LYS A 100 18.45 -21.95 19.22
N SER A 101 17.18 -22.15 19.55
CA SER A 101 16.72 -22.23 20.94
C SER A 101 15.87 -23.49 21.09
N PRO A 102 16.50 -24.64 21.33
CA PRO A 102 15.75 -25.91 21.38
C PRO A 102 14.65 -25.95 22.44
N ALA A 103 14.87 -25.39 23.63
CA ALA A 103 13.81 -25.35 24.62
C ALA A 103 12.63 -24.52 24.12
N GLU A 104 12.91 -23.37 23.53
CA GLU A 104 11.86 -22.58 22.91
C GLU A 104 11.10 -23.41 21.88
N GLU A 105 11.81 -24.19 21.06
CA GLU A 105 11.13 -25.00 20.07
C GLU A 105 10.26 -26.06 20.74
N LYS A 106 10.80 -26.78 21.72
CA LYS A 106 10.03 -27.83 22.37
C LYS A 106 8.72 -27.28 22.88
N PHE A 107 8.75 -26.10 23.47
CA PHE A 107 7.52 -25.48 23.96
C PHE A 107 6.57 -25.12 22.83
N LEU A 108 7.10 -24.63 21.70
CA LEU A 108 6.24 -24.24 20.57
C LEU A 108 5.43 -25.40 20.03
N GLU A 109 5.94 -26.63 20.17
CA GLU A 109 5.18 -27.78 19.70
C GLU A 109 3.85 -27.90 20.42
N LYS A 110 3.73 -27.25 21.58
CA LYS A 110 2.53 -27.30 22.41
C LYS A 110 1.61 -26.11 22.18
N VAL A 111 2.02 -25.14 21.37
CA VAL A 111 1.25 -23.92 21.18
C VAL A 111 0.34 -24.10 19.96
N THR A 112 -0.92 -23.72 20.13
CA THR A 112 -1.89 -23.61 19.05
C THR A 112 -2.05 -22.16 18.64
N MET A 113 -2.60 -21.94 17.45
CA MET A 113 -2.85 -20.59 16.97
C MET A 113 -3.97 -19.91 17.75
N GLY A 114 -4.96 -20.67 18.23
CA GLY A 114 -5.93 -20.11 19.16
C GLY A 114 -5.29 -19.62 20.45
N LYS A 115 -4.35 -20.39 21.00
CA LYS A 115 -3.63 -19.95 22.21
C LYS A 115 -2.83 -18.68 21.92
N ALA A 116 -2.05 -18.70 20.84
CA ALA A 116 -1.31 -17.50 20.46
C ALA A 116 -2.23 -16.30 20.35
N LEU A 117 -3.47 -16.50 19.90
CA LEU A 117 -4.34 -15.34 19.73
C LEU A 117 -4.79 -14.82 21.08
N VAL A 118 -5.06 -15.73 22.03
CA VAL A 118 -5.33 -15.32 23.41
C VAL A 118 -4.19 -14.46 23.93
N ALA A 119 -2.96 -14.93 23.73
CA ALA A 119 -1.78 -14.19 24.23
C ALA A 119 -1.68 -12.83 23.56
N GLN A 120 -2.00 -12.76 22.27
CA GLN A 120 -1.96 -11.48 21.58
C GLN A 120 -2.99 -10.50 22.12
N PHE A 121 -4.19 -10.99 22.44
CA PHE A 121 -5.19 -10.13 23.08
C PHE A 121 -4.65 -9.46 24.34
N HIS A 122 -3.92 -10.20 25.18
CA HIS A 122 -3.46 -9.63 26.45
C HIS A 122 -2.16 -8.86 26.31
N PHE A 123 -1.32 -9.18 25.32
CA PHE A 123 -0.22 -8.29 24.99
C PHE A 123 -0.74 -6.94 24.47
N PHE A 124 -1.70 -6.98 23.55
CA PHE A 124 -2.31 -5.72 23.11
C PHE A 124 -2.97 -4.98 24.27
N ALA A 125 -3.61 -5.72 25.18
CA ALA A 125 -4.19 -5.06 26.35
C ALA A 125 -3.11 -4.35 27.16
N LEU A 126 -1.95 -4.99 27.33
CA LEU A 126 -0.88 -4.35 28.06
C LEU A 126 -0.44 -3.07 27.36
N ILE A 127 -0.15 -3.15 26.06
CA ILE A 127 0.31 -1.96 25.33
C ILE A 127 -0.71 -0.85 25.43
N ALA A 128 -1.99 -1.15 25.22
CA ALA A 128 -2.99 -0.08 25.24
C ALA A 128 -3.04 0.60 26.60
N THR A 129 -3.01 -0.19 27.68
CA THR A 129 -3.10 0.35 29.04
C THR A 129 -1.86 1.18 29.38
N LEU A 130 -0.68 0.64 29.10
CA LEU A 130 0.55 1.36 29.43
C LEU A 130 0.65 2.67 28.65
N TRP A 131 0.18 2.69 27.41
CA TRP A 131 0.27 3.93 26.66
C TRP A 131 -0.71 4.97 27.18
N GLY A 132 -1.94 4.56 27.49
CA GLY A 132 -2.84 5.44 28.21
C GLY A 132 -2.23 6.01 29.48
N LEU A 133 -1.50 5.18 30.24
CA LEU A 133 -0.88 5.63 31.48
C LEU A 133 0.30 6.55 31.22
N HIS A 134 1.04 6.31 30.14
CA HIS A 134 2.12 7.22 29.78
C HIS A 134 1.57 8.59 29.42
N MET A 135 0.56 8.62 28.55
CA MET A 135 -0.12 9.86 28.22
C MET A 135 -0.58 10.56 29.48
N ALA A 136 -1.20 9.79 30.39
CA ALA A 136 -1.89 10.35 31.54
C ALA A 136 -0.92 11.07 32.46
N PHE A 137 0.19 10.43 32.78
CA PHE A 137 1.09 10.91 33.83
C PHE A 137 2.33 11.62 33.29
N TYR A 138 2.81 11.26 32.10
CA TYR A 138 4.01 11.90 31.53
C TYR A 138 3.70 12.78 30.34
N GLY A 139 2.69 12.45 29.54
CA GLY A 139 2.12 13.40 28.62
C GLY A 139 2.61 13.23 27.20
N ILE A 140 2.01 14.04 26.33
CA ILE A 140 2.43 14.21 24.97
C ILE A 140 2.46 15.71 24.71
N LEU A 141 2.79 16.10 23.49
CA LEU A 141 2.70 17.51 23.15
C LEU A 141 1.31 18.04 23.45
N GLY A 142 1.24 19.16 24.15
CA GLY A 142 -0.01 19.79 24.50
C GLY A 142 -0.28 21.03 23.68
N PRO A 143 -1.45 21.65 23.89
CA PRO A 143 -1.84 22.79 23.03
C PRO A 143 -0.92 23.97 23.17
N SER A 144 -0.14 24.03 24.25
CA SER A 144 0.75 25.14 24.52
C SER A 144 2.14 24.94 23.94
N GLY A 145 2.34 23.91 23.11
CA GLY A 145 3.65 23.61 22.60
C GLY A 145 4.61 23.00 23.60
N LYS A 146 4.13 22.69 24.80
CA LYS A 146 4.92 21.96 25.78
C LYS A 146 4.37 20.56 25.95
N LEU A 147 5.25 19.64 26.31
CA LEU A 147 4.83 18.36 26.85
C LEU A 147 3.85 18.59 28.00
N GLU A 148 2.71 17.90 27.96
CA GLU A 148 1.72 18.08 29.02
C GLU A 148 1.04 16.74 29.35
N PRO A 149 1.20 16.24 30.59
CA PRO A 149 0.40 15.07 31.00
C PRO A 149 -1.07 15.31 30.71
N THR A 150 -1.73 14.27 30.18
CA THR A 150 -3.10 14.44 29.72
C THR A 150 -4.13 14.34 30.85
N GLY A 151 -3.79 13.68 31.95
CA GLY A 151 -4.80 13.20 32.87
C GLY A 151 -5.51 11.98 32.28
N LEU A 152 -6.57 11.56 32.96
CA LEU A 152 -7.31 10.34 32.61
C LEU A 152 -8.78 10.59 32.87
N SER A 153 -9.62 10.43 31.85
CA SER A 153 -11.05 10.60 31.99
C SER A 153 -11.75 9.54 31.17
N PHE A 154 -12.92 9.09 31.65
CA PHE A 154 -13.71 8.10 30.94
C PHE A 154 -15.05 8.66 30.49
N ASP A 155 -15.12 9.96 30.25
CA ASP A 155 -16.35 10.58 29.72
C ASP A 155 -16.37 10.42 28.21
N MET A 156 -16.78 9.23 27.78
CA MET A 156 -16.70 8.87 26.37
C MET A 156 -17.50 9.82 25.47
N PHE A 157 -18.63 10.33 25.95
CA PHE A 157 -19.52 11.13 25.13
C PHE A 157 -19.37 12.63 25.33
N GLY A 158 -18.54 13.05 26.28
CA GLY A 158 -18.18 14.43 26.38
C GLY A 158 -17.25 14.85 25.26
N PRO A 159 -16.82 16.11 25.28
CA PRO A 159 -15.87 16.57 24.25
C PRO A 159 -14.57 15.79 24.35
N ILE A 160 -13.92 15.61 23.20
CA ILE A 160 -12.62 14.95 23.18
C ILE A 160 -11.59 15.87 23.82
N THR A 161 -10.89 15.37 24.84
CA THR A 161 -9.82 16.03 25.51
C THR A 161 -8.63 15.08 25.53
N PRO A 162 -7.44 15.56 25.87
CA PRO A 162 -6.33 14.60 26.08
C PRO A 162 -6.66 13.54 27.11
N ALA A 163 -7.38 13.90 28.17
CA ALA A 163 -7.72 12.95 29.23
C ALA A 163 -8.64 11.84 28.76
N THR A 164 -9.64 12.16 27.91
CA THR A 164 -10.53 11.10 27.44
C THR A 164 -9.87 10.24 26.39
N MET A 165 -8.91 10.80 25.65
CA MET A 165 -8.18 10.00 24.69
C MET A 165 -7.27 9.02 25.42
N ALA A 166 -6.70 9.44 26.56
CA ALA A 166 -6.04 8.50 27.44
C ALA A 166 -7.02 7.45 27.96
N GLY A 167 -8.20 7.88 28.42
CA GLY A 167 -9.20 6.91 28.84
C GLY A 167 -9.56 5.92 27.75
N ASN A 168 -9.61 6.39 26.49
CA ASN A 168 -9.90 5.50 25.37
C ASN A 168 -8.90 4.35 25.30
N HIS A 169 -7.62 4.65 25.56
CA HIS A 169 -6.61 3.59 25.50
C HIS A 169 -6.76 2.61 26.65
N VAL A 170 -6.92 3.12 27.86
CA VAL A 170 -7.11 2.27 29.02
C VAL A 170 -8.35 1.40 28.85
N ALA A 171 -9.39 1.96 28.23
CA ALA A 171 -10.61 1.18 28.04
C ALA A 171 -10.35 0.04 27.06
N PHE A 172 -9.60 0.32 26.00
CA PHE A 172 -9.22 -0.75 25.09
C PHE A 172 -8.38 -1.80 25.81
N GLY A 173 -7.57 -1.39 26.76
CA GLY A 173 -6.86 -2.36 27.57
C GLY A 173 -7.80 -3.28 28.32
N ALA A 174 -8.76 -2.70 29.01
CA ALA A 174 -9.77 -3.49 29.73
C ALA A 174 -10.53 -4.41 28.80
N VAL A 175 -10.98 -3.90 27.65
CA VAL A 175 -11.79 -4.71 26.75
C VAL A 175 -11.03 -5.93 26.27
N PHE A 176 -9.79 -5.72 25.79
CA PHE A 176 -8.98 -6.85 25.33
C PHE A 176 -8.53 -7.76 26.48
N PHE A 177 -8.47 -7.22 27.70
CA PHE A 177 -8.20 -8.08 28.85
C PHE A 177 -9.37 -9.03 29.09
N LEU A 178 -10.60 -8.49 29.16
CA LEU A 178 -11.76 -9.36 29.33
C LEU A 178 -11.93 -10.31 28.15
N GLY A 179 -11.66 -9.83 26.94
CA GLY A 179 -11.85 -10.67 25.76
C GLY A 179 -10.82 -11.79 25.71
N GLY A 180 -9.60 -11.50 26.14
CA GLY A 180 -8.58 -12.55 26.24
C GLY A 180 -8.93 -13.60 27.28
N ILE A 181 -9.42 -13.17 28.44
CA ILE A 181 -9.84 -14.13 29.45
C ILE A 181 -10.99 -14.97 28.94
N PHE A 182 -11.99 -14.33 28.33
CA PHE A 182 -13.14 -15.08 27.83
C PHE A 182 -12.71 -16.17 26.86
N HIS A 183 -11.88 -15.80 25.88
CA HIS A 183 -11.43 -16.80 24.91
C HIS A 183 -10.42 -17.78 25.48
N TYR A 184 -9.69 -17.40 26.53
CA TYR A 184 -8.82 -18.38 27.16
C TYR A 184 -9.63 -19.60 27.58
N PHE A 185 -10.85 -19.37 28.07
CA PHE A 185 -11.68 -20.43 28.60
C PHE A 185 -12.57 -21.08 27.53
N ALA A 186 -13.06 -20.29 26.57
CA ALA A 186 -14.04 -20.76 25.60
C ALA A 186 -13.42 -21.18 24.28
N GLY A 187 -12.25 -20.71 23.95
CA GLY A 187 -11.61 -21.14 22.73
C GLY A 187 -12.24 -20.47 21.51
N PHE A 188 -11.89 -21.01 20.34
CA PHE A 188 -12.40 -20.55 19.05
C PHE A 188 -13.01 -21.72 18.28
N ASN A 189 -13.51 -22.71 19.02
CA ASN A 189 -13.96 -23.98 18.45
C ASN A 189 -15.29 -23.89 17.72
N THR A 190 -15.94 -22.74 17.77
CA THR A 190 -17.24 -22.62 17.08
C THR A 190 -17.10 -23.05 15.64
N LYS A 191 -18.16 -23.58 15.06
CA LYS A 191 -18.12 -24.01 13.67
C LYS A 191 -17.93 -22.82 12.74
N ARG A 192 -17.36 -23.12 11.58
CA ARG A 192 -16.84 -22.17 10.61
C ARG A 192 -15.57 -21.47 11.10
N PHE A 193 -15.10 -21.77 12.33
CA PHE A 193 -13.84 -21.24 12.86
C PHE A 193 -12.83 -22.30 13.26
N ALA A 194 -13.28 -23.53 13.52
CA ALA A 194 -12.36 -24.58 13.96
C ALA A 194 -11.32 -24.88 12.90
N PHE A 195 -11.68 -24.74 11.63
CA PHE A 195 -10.75 -25.10 10.56
C PHE A 195 -9.51 -24.21 10.56
N PHE A 196 -9.58 -23.01 11.13
CA PHE A 196 -8.40 -22.13 11.14
C PHE A 196 -7.22 -22.78 11.84
N GLU A 197 -7.45 -23.53 12.93
CA GLU A 197 -6.33 -24.21 13.59
C GLU A 197 -5.64 -25.19 12.65
N LYS A 198 -6.30 -25.61 11.58
CA LYS A 198 -5.73 -26.59 10.66
C LYS A 198 -4.59 -26.00 9.82
N ASP A 199 -4.73 -24.76 9.37
CA ASP A 199 -3.90 -24.27 8.28
C ASP A 199 -3.41 -22.85 8.55
N TRP A 200 -2.08 -22.71 8.65
CA TRP A 200 -1.45 -21.40 8.83
C TRP A 200 -1.77 -20.44 7.69
N GLU A 201 -1.95 -20.95 6.48
CA GLU A 201 -2.21 -20.02 5.38
C GLU A 201 -3.62 -19.42 5.50
N ALA A 202 -4.57 -20.13 6.11
CA ALA A 202 -5.89 -19.53 6.26
C ALA A 202 -5.84 -18.38 7.26
N VAL A 203 -5.20 -18.60 8.41
CA VAL A 203 -5.00 -17.53 9.39
C VAL A 203 -4.25 -16.36 8.76
N LEU A 204 -3.17 -16.65 8.06
CA LEU A 204 -2.37 -15.59 7.46
C LEU A 204 -3.20 -14.77 6.51
N SER A 205 -4.02 -15.44 5.67
CA SER A 205 -4.85 -14.74 4.70
C SER A 205 -5.78 -13.77 5.39
N VAL A 206 -6.46 -14.24 6.44
CA VAL A 206 -7.43 -13.41 7.13
C VAL A 206 -6.74 -12.21 7.78
N SER A 207 -5.55 -12.43 8.37
CA SER A 207 -4.82 -11.30 8.97
C SER A 207 -4.53 -10.22 7.93
N CYS A 208 -4.06 -10.63 6.74
CA CYS A 208 -3.78 -9.67 5.69
C CYS A 208 -5.03 -8.92 5.27
N GLN A 209 -6.13 -9.66 5.06
CA GLN A 209 -7.34 -9.04 4.56
C GLN A 209 -7.91 -8.04 5.56
N ILE A 210 -7.98 -8.41 6.83
CA ILE A 210 -8.48 -7.49 7.83
C ILE A 210 -7.52 -6.30 7.98
N LEU A 211 -6.22 -6.55 7.94
CA LEU A 211 -5.28 -5.43 8.00
C LEU A 211 -5.53 -4.44 6.86
N ALA A 212 -5.87 -4.95 5.67
CA ALA A 212 -6.16 -4.07 4.53
C ALA A 212 -7.33 -3.16 4.83
N PHE A 213 -8.36 -3.71 5.46
CA PHE A 213 -9.51 -2.92 5.85
C PHE A 213 -9.15 -1.89 6.92
N HIS A 214 -8.27 -2.26 7.87
CA HIS A 214 -7.74 -1.29 8.83
C HIS A 214 -7.02 -0.17 8.10
N PHE A 215 -6.18 -0.51 7.12
CA PHE A 215 -5.50 0.52 6.34
C PHE A 215 -6.48 1.51 5.74
N ALA A 216 -7.57 1.01 5.14
CA ALA A 216 -8.56 1.91 4.57
C ALA A 216 -9.19 2.79 5.63
N THR A 217 -9.50 2.25 6.82
CA THR A 217 -10.06 3.12 7.85
C THR A 217 -9.02 4.15 8.29
N VAL A 218 -7.74 3.82 8.21
CA VAL A 218 -6.71 4.77 8.60
C VAL A 218 -6.57 5.88 7.57
N VAL A 219 -6.64 5.53 6.28
CA VAL A 219 -6.65 6.54 5.22
C VAL A 219 -7.74 7.58 5.48
N PHE A 220 -8.97 7.11 5.71
CA PHE A 220 -10.07 8.05 5.94
C PHE A 220 -9.86 8.83 7.26
N ALA A 221 -9.37 8.15 8.30
CA ALA A 221 -9.18 8.85 9.57
C ALA A 221 -8.10 9.94 9.46
N MET A 222 -7.07 9.70 8.66
CA MET A 222 -6.03 10.72 8.49
C MET A 222 -6.54 11.97 7.79
N ILE A 223 -7.59 11.86 6.96
CA ILE A 223 -8.20 13.02 6.35
C ILE A 223 -9.16 13.72 7.32
N ILE A 224 -9.90 12.93 8.10
CA ILE A 224 -11.04 13.43 8.86
C ILE A 224 -10.64 13.81 10.27
N TRP A 225 -9.76 13.05 10.92
CA TRP A 225 -9.36 13.31 12.31
C TRP A 225 -8.04 14.07 12.26
N GLN A 226 -8.15 15.39 12.18
CA GLN A 226 -7.00 16.26 11.96
C GLN A 226 -6.64 17.10 13.19
N HIS A 227 -7.10 16.68 14.35
CA HIS A 227 -6.75 17.37 15.59
C HIS A 227 -5.22 17.50 15.72
N PRO A 228 -4.72 18.66 16.14
CA PRO A 228 -3.27 18.93 16.03
C PRO A 228 -2.40 18.13 17.00
N GLN A 229 -2.93 17.60 18.10
CA GLN A 229 -2.14 16.78 19.00
C GLN A 229 -2.69 15.39 19.20
N LEU A 230 -4.02 15.22 19.19
CA LEU A 230 -4.68 13.96 19.44
C LEU A 230 -5.10 13.26 18.15
N GLY A 231 -4.76 13.84 17.01
CA GLY A 231 -5.08 13.25 15.72
C GLY A 231 -3.91 13.42 14.76
N PHE A 232 -4.13 13.32 13.47
CA PHE A 232 -3.04 13.38 12.51
C PHE A 232 -2.69 14.80 12.09
N GLY A 233 -3.30 15.80 12.72
CA GLY A 233 -2.86 17.18 12.54
C GLY A 233 -1.45 17.46 13.05
N PHE A 234 -0.84 16.52 13.77
CA PHE A 234 0.51 16.79 14.23
C PHE A 234 1.47 16.88 13.06
N MET A 235 1.11 16.29 11.93
CA MET A 235 1.96 16.37 10.74
C MET A 235 1.83 17.72 10.05
N ARG A 236 0.67 18.38 10.13
CA ARG A 236 0.56 19.76 9.66
C ARG A 236 1.38 20.68 10.55
N GLU A 237 1.21 20.56 11.87
CA GLU A 237 1.86 21.47 12.81
C GLU A 237 3.36 21.32 12.77
N TYR A 238 3.87 20.09 12.77
CA TYR A 238 5.30 19.90 12.72
C TYR A 238 5.92 20.65 11.53
N ALA A 239 5.31 20.54 10.36
CA ALA A 239 5.91 21.09 9.14
C ALA A 239 6.03 22.60 9.16
N VAL A 240 5.31 23.30 10.05
CA VAL A 240 5.49 24.73 10.21
C VAL A 240 5.96 25.11 11.62
N SER A 241 6.40 24.15 12.43
CA SER A 241 6.85 24.43 13.78
C SER A 241 8.27 25.00 13.75
N GLN A 242 8.78 25.33 14.94
CA GLN A 242 10.15 25.82 15.14
C GLN A 242 11.20 24.80 14.75
N TYR A 243 10.85 23.51 14.79
CA TYR A 243 11.76 22.45 14.41
C TYR A 243 11.87 22.26 12.89
N ALA A 244 10.95 22.80 12.11
CA ALA A 244 10.94 22.51 10.67
C ALA A 244 12.04 23.27 9.96
N GLY A 245 12.77 22.59 9.10
CA GLY A 245 13.76 23.26 8.30
C GLY A 245 13.12 24.27 7.37
N PRO A 246 13.93 25.20 6.88
CA PRO A 246 13.34 26.28 6.09
C PRO A 246 12.58 25.80 4.85
N GLU A 247 13.11 24.82 4.09
CA GLU A 247 12.42 24.43 2.86
C GLU A 247 11.13 23.65 3.13
N LEU A 248 11.15 22.76 4.12
CA LEU A 248 9.93 22.07 4.49
C LEU A 248 8.84 23.08 4.85
N LYS A 249 9.21 24.09 5.61
CA LYS A 249 8.28 25.14 6.00
C LYS A 249 7.74 25.88 4.78
N MET A 250 8.60 26.26 3.85
CA MET A 250 8.14 26.97 2.67
C MET A 250 7.14 26.11 1.87
N ILE A 251 7.38 24.81 1.78
CA ILE A 251 6.49 23.92 1.03
C ILE A 251 5.15 23.78 1.74
N ALA A 252 5.21 23.55 3.06
CA ALA A 252 3.99 23.38 3.85
C ALA A 252 3.12 24.63 3.85
N GLN A 253 3.68 25.80 3.65
CA GLN A 253 2.84 26.99 3.70
C GLN A 253 1.93 27.08 2.47
N SER A 254 2.36 26.59 1.33
CA SER A 254 1.48 26.48 0.18
C SER A 254 0.81 25.12 0.08
N ASN A 255 1.20 24.16 0.93
CA ASN A 255 0.67 22.79 0.90
C ASN A 255 0.61 22.26 2.31
N PRO A 256 -0.39 22.70 3.10
CA PRO A 256 -0.38 22.40 4.54
C PRO A 256 -0.41 20.93 4.87
N GLY A 257 -1.18 20.14 4.09
CA GLY A 257 -1.27 18.71 4.32
C GLY A 257 -0.12 17.89 3.79
N LEU A 258 0.99 18.52 3.38
CA LEU A 258 2.09 17.83 2.72
C LEU A 258 2.38 16.48 3.35
N LEU A 259 2.76 16.47 4.64
CA LEU A 259 3.23 15.22 5.25
C LEU A 259 2.07 14.28 5.51
N VAL A 260 0.90 14.82 5.85
CA VAL A 260 -0.27 13.98 6.04
C VAL A 260 -0.54 13.17 4.76
N LYS A 261 -0.51 13.85 3.62
CA LYS A 261 -0.81 13.16 2.37
C LYS A 261 0.29 12.16 1.98
N GLN A 262 1.53 12.36 2.42
CA GLN A 262 2.54 11.32 2.23
C GLN A 262 2.19 10.07 3.05
N ALA A 263 1.77 10.26 4.29
CA ALA A 263 1.35 9.13 5.10
C ALA A 263 0.15 8.43 4.51
N ILE A 264 -0.79 9.21 3.98
CA ILE A 264 -1.99 8.67 3.37
C ILE A 264 -1.64 7.81 2.17
N LEU A 265 -0.77 8.31 1.31
CA LEU A 265 -0.42 7.56 0.13
C LEU A 265 0.26 6.27 0.52
N GLY A 266 1.15 6.31 1.54
CA GLY A 266 1.75 5.09 2.02
C GLY A 266 0.74 4.07 2.51
N HIS A 267 -0.29 4.51 3.23
CA HIS A 267 -1.26 3.56 3.79
C HIS A 267 -2.27 3.09 2.75
N LEU A 268 -2.59 3.93 1.77
CA LEU A 268 -3.43 3.51 0.66
C LEU A 268 -2.75 2.40 -0.14
N VAL A 269 -1.50 2.63 -0.46
CA VAL A 269 -0.77 1.71 -1.29
C VAL A 269 -0.55 0.35 -0.53
N MET A 270 -0.14 0.44 0.72
CA MET A 270 0.15 -0.77 1.50
C MET A 270 -1.16 -1.54 1.75
N GLY A 271 -2.22 -0.81 1.98
CA GLY A 271 -3.52 -1.45 2.19
C GLY A 271 -3.97 -2.23 0.95
N ILE A 272 -3.80 -1.64 -0.23
CA ILE A 272 -4.16 -2.34 -1.46
C ILE A 272 -3.31 -3.60 -1.59
N MET A 273 -2.04 -3.46 -1.26
CA MET A 273 -1.09 -4.57 -1.38
C MET A 273 -1.49 -5.74 -0.41
N PHE A 274 -1.89 -5.43 0.79
CA PHE A 274 -2.30 -6.48 1.73
C PHE A 274 -3.65 -7.08 1.35
N TRP A 275 -4.55 -6.28 0.78
CA TRP A 275 -5.84 -6.79 0.33
C TRP A 275 -5.64 -7.85 -0.75
N ILE A 276 -4.85 -7.50 -1.77
CA ILE A 276 -4.68 -8.39 -2.90
C ILE A 276 -3.80 -9.57 -2.53
N GLY A 277 -2.71 -9.33 -1.80
CA GLY A 277 -1.88 -10.44 -1.35
C GLY A 277 -2.57 -11.33 -0.34
N GLY A 278 -3.42 -10.75 0.52
CA GLY A 278 -4.18 -11.58 1.42
C GLY A 278 -5.16 -12.49 0.70
N VAL A 279 -5.87 -11.93 -0.29
CA VAL A 279 -6.79 -12.73 -1.09
C VAL A 279 -6.03 -13.81 -1.85
N PHE A 280 -4.84 -13.49 -2.36
CA PHE A 280 -4.04 -14.51 -3.02
C PHE A 280 -3.75 -15.69 -2.08
N HIS A 281 -3.40 -15.41 -0.82
CA HIS A 281 -3.15 -16.50 0.13
C HIS A 281 -4.40 -17.31 0.44
N GLY A 282 -5.55 -16.65 0.59
CA GLY A 282 -6.76 -17.40 0.87
C GLY A 282 -7.11 -18.29 -0.30
N ALA A 283 -7.01 -17.75 -1.51
CA ALA A 283 -7.25 -18.51 -2.73
C ALA A 283 -6.27 -19.66 -2.85
N HIS A 284 -5.01 -19.42 -2.53
CA HIS A 284 -4.02 -20.49 -2.60
C HIS A 284 -4.33 -21.58 -1.58
N PHE A 285 -4.77 -21.19 -0.38
CA PHE A 285 -5.23 -22.19 0.58
C PHE A 285 -6.39 -23.00 0.03
N MET A 286 -7.39 -22.33 -0.56
CA MET A 286 -8.51 -23.05 -1.12
C MET A 286 -8.06 -24.00 -2.21
N LEU A 287 -7.14 -23.57 -3.04
CA LEU A 287 -6.68 -24.40 -4.14
C LEU A 287 -5.98 -25.64 -3.62
N ARG A 288 -5.23 -25.51 -2.51
CA ARG A 288 -4.61 -26.70 -1.90
C ARG A 288 -5.67 -27.62 -1.34
N VAL A 289 -6.76 -27.05 -0.78
CA VAL A 289 -7.88 -27.89 -0.36
C VAL A 289 -8.41 -28.69 -1.55
N LEU A 290 -8.61 -28.02 -2.70
CA LEU A 290 -9.18 -28.67 -3.87
C LEU A 290 -8.23 -29.67 -4.51
N ASN A 291 -6.93 -29.56 -4.24
CA ASN A 291 -5.95 -30.46 -4.83
C ASN A 291 -5.56 -31.58 -3.88
N ASP A 292 -6.00 -31.53 -2.63
CA ASP A 292 -5.73 -32.60 -1.70
C ASP A 292 -6.99 -33.45 -1.57
N PRO A 293 -7.12 -34.52 -2.37
CA PRO A 293 -8.31 -35.38 -2.25
C PRO A 293 -8.62 -35.78 -0.82
N LYS A 294 -7.59 -35.89 0.02
CA LYS A 294 -7.81 -36.06 1.46
C LYS A 294 -8.54 -34.84 2.03
N LEU A 295 -7.96 -33.66 1.84
CA LEU A 295 -8.56 -32.42 2.34
C LEU A 295 -9.84 -32.15 1.55
N ALA A 296 -10.90 -32.85 1.97
CA ALA A 296 -12.22 -32.66 1.39
C ALA A 296 -13.28 -33.14 2.37
N GLU A 297 -12.97 -34.20 3.12
CA GLU A 297 -13.92 -34.80 4.04
C GLU A 297 -14.21 -33.90 5.24
N GLU A 298 -13.37 -32.89 5.49
CA GLU A 298 -13.60 -31.95 6.57
C GLU A 298 -14.14 -30.62 6.09
N MET A 299 -13.98 -30.32 4.81
CA MET A 299 -14.38 -29.05 4.24
C MET A 299 -15.62 -29.15 3.36
N LYS A 300 -16.11 -30.37 3.08
CA LYS A 300 -17.29 -30.53 2.23
C LYS A 300 -18.44 -29.64 2.65
N ASP A 301 -18.51 -29.28 3.94
CA ASP A 301 -19.58 -28.42 4.44
C ASP A 301 -19.52 -27.01 3.84
N PHE A 302 -18.37 -26.56 3.35
CA PHE A 302 -18.23 -25.21 2.83
C PHE A 302 -18.66 -25.16 1.37
N LYS A 303 -19.37 -24.09 1.02
CA LYS A 303 -19.91 -23.96 -0.33
C LYS A 303 -18.85 -23.73 -1.40
N PHE A 304 -17.61 -23.37 -1.04
CA PHE A 304 -16.67 -22.99 -2.10
C PHE A 304 -16.14 -24.21 -2.85
N ILE A 305 -16.10 -25.37 -2.21
CA ILE A 305 -15.73 -26.56 -2.96
C ILE A 305 -16.69 -26.74 -4.13
N LYS A 306 -17.99 -26.52 -3.91
CA LYS A 306 -18.94 -26.64 -5.01
C LYS A 306 -18.76 -25.50 -6.01
N ARG A 307 -18.68 -24.26 -5.52
CA ARG A 307 -18.64 -23.11 -6.41
C ARG A 307 -17.43 -23.15 -7.32
N CYS A 308 -16.29 -23.65 -6.82
CA CYS A 308 -15.09 -23.74 -7.64
C CYS A 308 -15.22 -24.76 -8.76
N TYR A 309 -16.30 -25.54 -8.81
CA TYR A 309 -16.58 -26.43 -9.94
C TYR A 309 -17.84 -26.05 -10.70
N ASP A 310 -18.60 -25.06 -10.26
CA ASP A 310 -19.91 -24.81 -10.84
C ASP A 310 -19.83 -23.66 -11.84
N HIS A 311 -19.91 -23.98 -13.13
CA HIS A 311 -19.69 -22.98 -14.17
C HIS A 311 -20.79 -21.94 -14.23
N GLU A 312 -22.01 -22.29 -13.85
CA GLU A 312 -23.04 -21.27 -13.85
C GLU A 312 -22.84 -20.28 -12.70
N PHE A 313 -22.44 -20.76 -11.52
CA PHE A 313 -22.10 -19.84 -10.45
C PHE A 313 -20.95 -18.92 -10.85
N GLN A 314 -19.92 -19.46 -11.48
CA GLN A 314 -18.76 -18.69 -11.87
C GLN A 314 -19.11 -17.54 -12.81
N LYS A 315 -19.94 -17.81 -13.80
CA LYS A 315 -20.30 -16.76 -14.77
C LYS A 315 -21.21 -15.73 -14.14
N LYS A 316 -22.24 -16.16 -13.40
CA LYS A 316 -23.15 -15.22 -12.76
C LYS A 316 -22.40 -14.31 -11.79
N PHE A 317 -21.56 -14.90 -10.96
CA PHE A 317 -20.83 -14.14 -9.97
C PHE A 317 -19.82 -13.20 -10.61
N LEU A 318 -19.00 -13.71 -11.52
CA LEU A 318 -18.04 -12.79 -12.14
C LEU A 318 -18.73 -11.74 -12.98
N ALA A 319 -19.86 -12.09 -13.64
CA ALA A 319 -20.57 -11.08 -14.40
C ALA A 319 -21.09 -9.98 -13.50
N LEU A 320 -21.50 -10.33 -12.30
CA LEU A 320 -21.98 -9.29 -11.40
C LEU A 320 -20.84 -8.33 -11.01
N ILE A 321 -19.64 -8.85 -10.76
CA ILE A 321 -18.46 -8.01 -10.50
C ILE A 321 -18.16 -7.09 -11.67
N MET A 322 -18.22 -7.62 -12.90
CA MET A 322 -17.90 -6.83 -14.07
C MET A 322 -18.92 -5.72 -14.28
N PHE A 323 -20.19 -6.00 -14.03
CA PHE A 323 -21.19 -4.95 -14.08
C PHE A 323 -20.90 -3.88 -13.03
N GLY A 324 -20.54 -4.30 -11.83
CA GLY A 324 -20.21 -3.37 -10.75
C GLY A 324 -19.02 -2.49 -11.07
N ALA A 325 -18.17 -2.93 -11.99
CA ALA A 325 -17.09 -2.08 -12.49
C ALA A 325 -17.56 -1.24 -13.66
N PHE A 326 -18.26 -1.88 -14.62
CA PHE A 326 -18.63 -1.23 -15.88
C PHE A 326 -19.48 0.00 -15.64
N LEU A 327 -20.54 -0.12 -14.88
CA LEU A 327 -21.48 1.00 -14.77
C LEU A 327 -20.82 2.23 -14.14
N PRO A 328 -20.17 2.15 -12.98
CA PRO A 328 -19.58 3.39 -12.41
C PRO A 328 -18.41 3.95 -13.22
N ILE A 329 -17.61 3.09 -13.86
CA ILE A 329 -16.57 3.57 -14.77
C ILE A 329 -17.20 4.29 -15.96
N PHE A 330 -18.24 3.70 -16.54
CA PHE A 330 -18.88 4.32 -17.68
C PHE A 330 -19.39 5.70 -17.30
N VAL A 331 -20.06 5.81 -16.16
CA VAL A 331 -20.61 7.08 -15.72
C VAL A 331 -19.49 8.09 -15.44
N SER A 332 -18.48 7.69 -14.65
CA SER A 332 -17.42 8.61 -14.22
C SER A 332 -16.53 9.02 -15.39
N TYR A 333 -15.97 8.05 -16.12
CA TYR A 333 -15.05 8.37 -17.21
C TYR A 333 -15.79 8.95 -18.41
N GLY A 334 -17.04 8.54 -18.64
CA GLY A 334 -17.78 9.15 -19.71
C GLY A 334 -18.12 10.60 -19.43
N ILE A 335 -18.62 10.89 -18.23
CA ILE A 335 -18.88 12.28 -17.87
C ILE A 335 -17.60 13.11 -17.95
N ALA A 336 -16.50 12.58 -17.37
CA ALA A 336 -15.28 13.39 -17.29
C ALA A 336 -14.68 13.58 -18.66
N THR A 337 -14.92 12.64 -19.59
CA THR A 337 -14.44 12.80 -20.95
C THR A 337 -15.24 13.87 -21.69
N HIS A 338 -16.57 13.88 -21.51
CA HIS A 338 -17.38 14.92 -22.13
C HIS A 338 -16.93 16.29 -21.62
N ASN A 339 -16.88 16.43 -20.29
CA ASN A 339 -16.41 17.67 -19.68
C ASN A 339 -14.99 18.06 -20.12
N THR A 340 -14.13 17.07 -20.34
CA THR A 340 -12.76 17.35 -20.80
C THR A 340 -12.79 17.97 -22.19
N ILE A 341 -13.57 17.37 -23.09
CA ILE A 341 -13.72 17.86 -24.45
C ILE A 341 -14.27 19.28 -24.44
N ALA A 342 -15.24 19.54 -23.56
CA ALA A 342 -15.80 20.88 -23.35
C ALA A 342 -14.74 21.88 -22.86
N ASP A 343 -13.97 21.54 -21.82
CA ASP A 343 -12.90 22.41 -21.31
C ASP A 343 -11.84 22.67 -22.38
N ILE A 344 -11.46 21.63 -23.13
CA ILE A 344 -10.41 21.77 -24.13
C ILE A 344 -10.79 22.79 -25.18
N HIS A 345 -12.04 22.70 -25.70
CA HIS A 345 -12.47 23.42 -26.88
C HIS A 345 -13.26 24.67 -26.55
N ALA A 346 -13.22 25.14 -25.30
CA ALA A 346 -14.14 26.18 -24.86
C ALA A 346 -13.97 27.48 -25.64
N ALA A 347 -12.77 27.76 -26.16
CA ALA A 347 -12.57 28.98 -26.93
C ALA A 347 -13.17 28.91 -28.33
N SER A 348 -13.57 27.73 -28.82
CA SER A 348 -14.01 27.62 -30.21
C SER A 348 -15.32 28.34 -30.38
N LYS A 349 -15.47 28.97 -31.53
CA LYS A 349 -16.72 29.65 -31.84
C LYS A 349 -17.63 28.81 -32.73
N THR A 350 -17.07 27.95 -33.59
CA THR A 350 -17.89 27.04 -34.38
C THR A 350 -17.25 25.66 -34.39
N GLY A 351 -17.90 24.75 -35.11
CA GLY A 351 -17.43 23.38 -35.22
C GLY A 351 -18.04 22.46 -34.18
N LEU A 352 -17.65 21.18 -34.30
CA LEU A 352 -18.32 20.10 -33.59
C LEU A 352 -18.30 20.25 -32.08
N PHE A 353 -17.26 20.87 -31.52
CA PHE A 353 -17.07 20.91 -30.08
C PHE A 353 -17.38 22.25 -29.45
N ALA A 354 -17.99 23.17 -30.16
CA ALA A 354 -18.24 24.48 -29.60
C ALA A 354 -19.49 24.51 -28.74
N HIS A 355 -19.43 25.31 -27.68
CA HIS A 355 -20.57 25.57 -26.81
C HIS A 355 -21.17 24.28 -26.27
N MET A 356 -20.31 23.41 -25.72
CA MET A 356 -20.81 22.25 -25.01
C MET A 356 -21.27 22.65 -23.61
N THR A 357 -22.27 21.95 -23.11
CA THR A 357 -22.69 22.10 -21.72
C THR A 357 -21.80 21.26 -20.81
N TYR A 358 -21.47 21.81 -19.65
CA TYR A 358 -20.76 21.09 -18.61
C TYR A 358 -21.74 20.17 -17.87
N ILE A 359 -21.36 18.92 -17.67
CA ILE A 359 -22.18 18.01 -16.89
C ILE A 359 -21.88 18.26 -15.42
N ASN A 360 -22.91 18.60 -14.66
CA ASN A 360 -22.79 19.04 -13.29
C ASN A 360 -23.79 18.29 -12.43
N ILE A 361 -23.29 17.36 -11.64
CA ILE A 361 -24.06 16.50 -10.76
C ILE A 361 -23.41 16.55 -9.38
N GLY A 362 -24.24 16.63 -8.33
CA GLY A 362 -23.76 16.58 -6.96
C GLY A 362 -23.73 15.18 -6.40
N THR A 363 -23.63 15.10 -5.06
CA THR A 363 -23.51 13.85 -4.31
C THR A 363 -24.53 13.83 -3.17
N PRO A 364 -25.83 13.85 -3.50
CA PRO A 364 -26.84 14.00 -2.45
C PRO A 364 -26.88 12.85 -1.46
N LEU A 365 -26.48 11.65 -1.86
CA LEU A 365 -26.60 10.55 -0.91
C LEU A 365 -25.51 10.61 0.14
N HIS A 366 -24.27 10.85 -0.31
CA HIS A 366 -23.16 11.06 0.61
C HIS A 366 -23.41 12.26 1.53
N ASP A 367 -23.95 13.35 0.99
CA ASP A 367 -24.21 14.54 1.79
C ASP A 367 -25.24 14.24 2.88
N ALA A 368 -26.31 13.54 2.53
CA ALA A 368 -27.36 13.27 3.50
C ALA A 368 -26.85 12.39 4.64
N ILE A 369 -25.89 11.52 4.37
CA ILE A 369 -25.47 10.54 5.36
C ILE A 369 -24.27 11.03 6.17
N PHE A 370 -23.33 11.75 5.54
CA PHE A 370 -22.09 12.14 6.21
C PHE A 370 -21.92 13.64 6.40
N GLY A 371 -22.75 14.48 5.80
CA GLY A 371 -22.67 15.91 6.04
C GLY A 371 -21.76 16.68 5.10
N SER A 372 -21.25 16.03 4.07
CA SER A 372 -20.57 16.74 3.00
C SER A 372 -21.54 17.59 2.17
N LYS A 373 -20.97 18.33 1.23
CA LYS A 373 -21.73 19.06 0.20
C LYS A 373 -20.91 19.00 -1.10
N GLY A 374 -20.95 17.85 -1.76
CA GLY A 374 -20.04 17.58 -2.84
C GLY A 374 -20.45 18.16 -4.18
N SER A 375 -19.51 18.16 -5.10
CA SER A 375 -19.73 18.70 -6.42
C SER A 375 -19.53 17.58 -7.46
N ILE A 376 -19.51 17.96 -8.74
CA ILE A 376 -19.22 17.00 -9.80
C ILE A 376 -17.87 16.36 -9.57
N SER A 377 -16.95 17.06 -8.89
CA SER A 377 -15.61 16.50 -8.63
C SER A 377 -15.70 15.26 -7.75
N GLU A 378 -16.42 15.36 -6.64
CA GLU A 378 -16.69 14.19 -5.79
C GLU A 378 -17.53 13.13 -6.51
N PHE A 379 -18.59 13.52 -7.22
CA PHE A 379 -19.41 12.51 -7.92
C PHE A 379 -18.56 11.67 -8.86
N VAL A 380 -17.78 12.32 -9.74
CA VAL A 380 -16.95 11.58 -10.69
C VAL A 380 -15.87 10.78 -9.94
N ALA A 381 -15.19 11.42 -8.98
CA ALA A 381 -14.05 10.74 -8.35
C ALA A 381 -14.51 9.50 -7.59
N ALA A 382 -15.61 9.61 -6.87
CA ALA A 382 -16.10 8.48 -6.11
C ALA A 382 -16.58 7.34 -7.01
N HIS A 383 -17.23 7.66 -8.13
CA HIS A 383 -17.61 6.58 -9.05
C HIS A 383 -16.40 5.99 -9.77
N ALA A 384 -15.35 6.77 -10.00
CA ALA A 384 -14.17 6.20 -10.63
C ALA A 384 -13.42 5.25 -9.68
N ILE A 385 -13.37 5.61 -8.41
CA ILE A 385 -12.74 4.79 -7.39
C ILE A 385 -13.57 3.55 -7.10
N ALA A 386 -14.86 3.71 -6.86
CA ALA A 386 -15.74 2.55 -6.74
C ALA A 386 -15.61 1.61 -7.94
N GLY A 387 -15.64 2.15 -9.15
CA GLY A 387 -15.45 1.32 -10.33
C GLY A 387 -14.09 0.65 -10.37
N GLY A 388 -13.03 1.38 -9.99
CA GLY A 388 -11.71 0.79 -9.94
C GLY A 388 -11.63 -0.36 -8.95
N LEU A 389 -12.35 -0.24 -7.83
CA LEU A 389 -12.39 -1.33 -6.87
C LEU A 389 -13.03 -2.59 -7.45
N HIS A 390 -14.18 -2.45 -8.13
CA HIS A 390 -14.82 -3.61 -8.73
C HIS A 390 -14.01 -4.15 -9.89
N PHE A 391 -13.38 -3.27 -10.64
CA PHE A 391 -12.45 -3.66 -11.70
C PHE A 391 -11.32 -4.54 -11.14
N THR A 392 -10.62 -4.03 -10.10
CA THR A 392 -9.59 -4.81 -9.43
C THR A 392 -10.13 -6.14 -8.92
N MET A 393 -11.36 -6.16 -8.44
CA MET A 393 -11.93 -7.41 -7.93
C MET A 393 -12.13 -8.46 -9.02
N VAL A 394 -12.11 -8.11 -10.31
CA VAL A 394 -12.33 -9.11 -11.38
C VAL A 394 -11.21 -10.15 -11.32
N PRO A 395 -9.93 -9.78 -11.41
CA PRO A 395 -8.89 -10.81 -11.21
C PRO A 395 -8.91 -11.42 -9.80
N MET A 396 -9.33 -10.68 -8.78
CA MET A 396 -9.35 -11.22 -7.41
C MET A 396 -10.34 -12.38 -7.28
N TRP A 397 -11.55 -12.21 -7.81
CA TRP A 397 -12.52 -13.28 -7.68
C TRP A 397 -12.20 -14.44 -8.63
N ARG A 398 -11.42 -14.20 -9.67
CA ARG A 398 -10.95 -15.31 -10.50
C ARG A 398 -9.88 -16.14 -9.77
N MET A 399 -8.98 -15.50 -9.00
CA MET A 399 -8.08 -16.22 -8.10
C MET A 399 -8.84 -17.20 -7.24
N VAL A 400 -9.94 -16.71 -6.65
CA VAL A 400 -10.70 -17.49 -5.68
C VAL A 400 -11.44 -18.64 -6.34
N PHE A 401 -12.10 -18.40 -7.49
CA PHE A 401 -13.08 -19.35 -8.02
C PHE A 401 -12.75 -19.96 -9.39
N PHE A 402 -11.77 -19.43 -10.12
CA PHE A 402 -11.40 -19.93 -11.43
C PHE A 402 -10.06 -20.66 -11.50
N SER A 403 -9.42 -20.94 -10.36
CA SER A 403 -8.03 -21.36 -10.41
C SER A 403 -7.84 -22.86 -10.50
N LYS A 404 -8.92 -23.64 -10.35
CA LYS A 404 -8.88 -25.07 -10.59
C LYS A 404 -9.58 -25.43 -11.91
N VAL A 405 -10.87 -25.10 -12.03
CA VAL A 405 -11.57 -25.25 -13.28
C VAL A 405 -12.35 -23.98 -13.56
N SER A 406 -12.66 -23.76 -14.83
CA SER A 406 -13.42 -22.60 -15.26
C SER A 406 -14.18 -22.99 -16.50
N PRO A 407 -15.12 -22.15 -16.95
CA PRO A 407 -15.80 -22.45 -18.22
C PRO A 407 -14.81 -22.57 -19.36
N TRP A 408 -13.67 -21.86 -19.28
CA TRP A 408 -12.68 -21.92 -20.34
C TRP A 408 -11.97 -23.28 -20.39
N THR A 409 -11.56 -23.81 -19.22
CA THR A 409 -10.87 -25.11 -19.21
C THR A 409 -11.81 -26.21 -19.69
N THR A 410 -13.08 -26.12 -19.35
CA THR A 410 -14.06 -27.06 -19.89
C THR A 410 -14.26 -26.86 -21.39
N LYS A 411 -14.42 -25.61 -21.84
CA LYS A 411 -14.56 -25.34 -23.27
C LYS A 411 -13.44 -25.98 -24.09
N VAL A 412 -12.19 -25.88 -23.64
CA VAL A 412 -11.07 -26.39 -24.42
C VAL A 412 -10.72 -27.83 -24.11
N GLY A 413 -11.48 -28.51 -23.28
CA GLY A 413 -11.26 -29.93 -23.04
C GLY A 413 -10.26 -30.31 -21.96
N MET A 414 -9.86 -29.37 -21.09
CA MET A 414 -8.95 -29.70 -20.00
C MET A 414 -9.68 -30.27 -18.78
N LYS A 415 -8.99 -31.13 -18.03
CA LYS A 415 -9.53 -31.62 -16.78
C LYS A 415 -9.47 -30.55 -15.69
N ALA A 416 -8.34 -29.85 -15.58
CA ALA A 416 -8.12 -28.88 -14.52
C ALA A 416 -6.79 -28.18 -14.76
N LYS A 417 -6.71 -26.92 -14.34
CA LYS A 417 -5.41 -26.24 -14.29
C LYS A 417 -4.48 -27.02 -13.34
N ARG A 418 -3.24 -27.26 -13.76
CA ARG A 418 -2.38 -28.16 -12.99
C ARG A 418 -2.04 -27.60 -11.61
N ASP A 419 -1.65 -26.33 -11.53
CA ASP A 419 -1.28 -25.73 -10.25
C ASP A 419 -1.58 -24.25 -10.29
N GLY A 420 -1.11 -23.53 -9.28
CA GLY A 420 -1.34 -22.12 -9.12
C GLY A 420 -0.31 -21.20 -9.70
N GLU A 421 0.75 -21.73 -10.32
CA GLU A 421 1.89 -20.90 -10.69
C GLU A 421 2.34 -21.01 -12.13
N PHE A 422 1.85 -22.00 -12.89
CA PHE A 422 2.26 -22.16 -14.27
C PHE A 422 1.94 -20.91 -15.08
N PRO A 423 2.80 -20.54 -16.04
CA PRO A 423 2.67 -19.22 -16.67
C PRO A 423 1.74 -19.22 -17.87
N CYS A 424 1.60 -20.38 -18.53
CA CYS A 424 0.85 -20.51 -19.77
C CYS A 424 0.85 -21.98 -20.15
N LEU A 425 0.10 -22.30 -21.21
CA LEU A 425 0.06 -23.65 -21.78
C LEU A 425 0.40 -23.65 -23.26
N GLY A 426 0.85 -22.54 -23.81
CA GLY A 426 1.27 -22.51 -25.20
C GLY A 426 0.23 -21.96 -26.15
N PRO A 427 0.56 -22.04 -27.43
CA PRO A 427 -0.22 -21.33 -28.45
C PRO A 427 -1.53 -22.01 -28.82
N ALA A 428 -1.82 -23.22 -28.29
CA ALA A 428 -3.08 -23.88 -28.61
C ALA A 428 -4.25 -22.93 -28.36
N TYR A 429 -5.28 -23.08 -29.18
CA TYR A 429 -6.53 -22.34 -29.02
C TYR A 429 -6.33 -20.85 -29.14
N GLY A 430 -5.30 -20.42 -29.84
CA GLY A 430 -5.01 -19.03 -30.00
C GLY A 430 -4.21 -18.38 -28.89
N GLY A 431 -3.73 -19.17 -27.90
CA GLY A 431 -2.84 -18.69 -26.85
C GLY A 431 -3.44 -18.78 -25.46
N THR A 432 -2.62 -19.09 -24.44
CA THR A 432 -3.16 -19.48 -23.14
C THR A 432 -2.45 -18.81 -21.97
N CYS A 433 -1.80 -17.68 -22.19
CA CYS A 433 -1.02 -17.09 -21.11
C CYS A 433 -1.88 -16.54 -19.99
N SER A 434 -1.43 -16.81 -18.77
CA SER A 434 -1.89 -16.14 -17.54
C SER A 434 -3.31 -16.49 -17.14
N ILE A 435 -3.65 -17.77 -17.20
CA ILE A 435 -4.85 -18.28 -16.57
C ILE A 435 -4.65 -18.81 -15.14
N SER A 436 -3.41 -18.91 -14.65
CA SER A 436 -3.19 -19.46 -13.33
C SER A 436 -3.53 -18.46 -12.23
N LEU A 437 -3.60 -18.98 -11.01
CA LEU A 437 -3.89 -18.22 -9.79
C LEU A 437 -2.90 -17.08 -9.61
N VAL A 438 -1.59 -17.35 -9.71
CA VAL A 438 -0.62 -16.28 -9.42
C VAL A 438 -0.66 -15.22 -10.53
N ASP A 439 -0.99 -15.61 -11.76
CA ASP A 439 -1.02 -14.62 -12.84
C ASP A 439 -2.24 -13.69 -12.70
N GLN A 440 -3.31 -14.16 -12.06
CA GLN A 440 -4.42 -13.27 -11.72
C GLN A 440 -4.08 -12.40 -10.52
N PHE A 441 -3.24 -12.89 -9.60
CA PHE A 441 -2.70 -12.01 -8.56
C PHE A 441 -1.98 -10.82 -9.16
N TYR A 442 -1.06 -11.05 -10.10
CA TYR A 442 -0.36 -9.93 -10.74
C TYR A 442 -1.34 -8.98 -11.39
N LEU A 443 -2.37 -9.54 -12.07
CA LEU A 443 -3.28 -8.69 -12.82
C LEU A 443 -4.07 -7.81 -11.86
N ALA A 444 -4.42 -8.33 -10.69
CA ALA A 444 -5.11 -7.49 -9.73
C ALA A 444 -4.21 -6.35 -9.24
N ILE A 445 -2.91 -6.61 -9.08
CA ILE A 445 -1.96 -5.56 -8.73
C ILE A 445 -1.97 -4.46 -9.80
N PHE A 446 -1.89 -4.86 -11.07
CA PHE A 446 -1.95 -3.92 -12.20
C PHE A 446 -3.24 -3.11 -12.16
N PHE A 447 -4.39 -3.79 -12.07
CA PHE A 447 -5.69 -3.14 -12.10
C PHE A 447 -5.87 -2.18 -10.91
N SER A 448 -5.19 -2.45 -9.79
CA SER A 448 -5.38 -1.65 -8.58
C SER A 448 -4.94 -0.21 -8.76
N LEU A 449 -4.16 0.06 -9.80
CA LEU A 449 -3.87 1.44 -10.17
C LEU A 449 -5.11 2.25 -10.51
N GLN A 450 -6.22 1.60 -10.93
CA GLN A 450 -7.47 2.33 -11.12
C GLN A 450 -8.15 2.73 -9.82
N VAL A 451 -7.68 2.24 -8.69
CA VAL A 451 -8.08 2.72 -7.37
C VAL A 451 -7.11 3.80 -6.87
N ILE A 452 -5.81 3.49 -6.93
CA ILE A 452 -4.80 4.34 -6.32
C ILE A 452 -4.73 5.70 -7.03
N ALA A 453 -4.73 5.71 -8.36
CA ALA A 453 -4.47 6.97 -9.05
C ALA A 453 -5.60 7.95 -8.87
N PRO A 454 -6.86 7.62 -9.16
CA PRO A 454 -7.93 8.59 -8.90
C PRO A 454 -8.03 9.00 -7.44
N ALA A 455 -7.81 8.07 -6.51
CA ALA A 455 -7.83 8.41 -5.10
C ALA A 455 -6.77 9.46 -4.79
N TRP A 456 -5.56 9.28 -5.32
CA TRP A 456 -4.49 10.24 -5.07
C TRP A 456 -4.81 11.59 -5.70
N PHE A 457 -5.21 11.60 -6.98
CA PHE A 457 -5.55 12.87 -7.62
C PHE A 457 -6.65 13.59 -6.84
N TYR A 458 -7.64 12.86 -6.34
CA TYR A 458 -8.67 13.51 -5.53
C TYR A 458 -8.09 14.10 -4.25
N ILE A 459 -7.33 13.29 -3.52
CA ILE A 459 -6.85 13.69 -2.21
C ILE A 459 -5.92 14.90 -2.32
N ASP A 460 -5.14 14.98 -3.39
CA ASP A 460 -4.26 16.11 -3.58
C ASP A 460 -4.96 17.32 -4.19
N GLY A 461 -6.29 17.37 -4.24
CA GLY A 461 -6.97 18.58 -4.66
C GLY A 461 -7.12 18.81 -6.16
N CYS A 462 -6.90 17.79 -6.99
CA CYS A 462 -7.30 17.88 -8.40
C CYS A 462 -8.80 18.13 -8.55
N TRP A 463 -9.15 18.91 -9.56
CA TRP A 463 -10.53 18.94 -10.04
C TRP A 463 -10.84 17.63 -10.76
N MET A 464 -11.80 16.87 -10.24
CA MET A 464 -12.08 15.57 -10.79
C MET A 464 -13.33 15.57 -11.67
N GLY A 465 -13.85 16.75 -11.99
CA GLY A 465 -14.91 16.85 -12.98
C GLY A 465 -14.45 16.75 -14.42
N SER A 466 -13.14 16.75 -14.65
CA SER A 466 -12.54 16.93 -15.96
C SER A 466 -11.11 16.43 -15.86
N PHE A 467 -10.52 16.02 -17.00
CA PHE A 467 -9.13 15.63 -16.99
C PHE A 467 -8.19 16.84 -17.14
N VAL A 468 -8.70 17.98 -17.59
CA VAL A 468 -7.91 19.21 -17.73
C VAL A 468 -8.48 20.29 -16.83
N ALA A 469 -7.83 21.46 -16.80
CA ALA A 469 -8.30 22.59 -16.02
C ALA A 469 -9.61 23.12 -16.55
N VAL A 470 -10.47 23.54 -15.61
CA VAL A 470 -11.76 24.14 -15.92
C VAL A 470 -11.56 25.39 -16.76
N ALA A 471 -12.32 25.50 -17.85
CA ALA A 471 -12.22 26.66 -18.73
C ALA A 471 -13.12 27.79 -18.23
N ALA A 472 -12.84 28.99 -18.73
CA ALA A 472 -13.52 30.18 -18.23
C ALA A 472 -15.04 30.11 -18.30
N PRO A 473 -15.66 29.62 -19.39
CA PRO A 473 -17.12 29.55 -19.43
C PRO A 473 -17.73 28.71 -18.31
N TYR A 474 -16.95 27.84 -17.66
CA TYR A 474 -17.48 26.98 -16.61
C TYR A 474 -17.00 27.38 -15.21
N ASN A 475 -16.46 28.59 -15.07
CA ASN A 475 -15.83 29.01 -13.81
C ASN A 475 -16.83 29.05 -12.67
N ASP A 476 -18.08 29.38 -12.94
CA ASP A 476 -19.09 29.44 -11.89
C ASP A 476 -19.25 28.09 -11.20
N ILE A 477 -19.11 27.00 -11.96
CA ILE A 477 -19.29 25.66 -11.38
C ILE A 477 -18.13 25.35 -10.46
N TYR A 478 -16.93 25.68 -10.89
CA TYR A 478 -15.75 25.55 -10.04
C TYR A 478 -15.89 26.36 -8.75
N GLN A 479 -16.31 27.63 -8.85
CA GLN A 479 -16.36 28.51 -7.69
C GLN A 479 -17.40 28.03 -6.68
N ALA A 480 -18.55 27.55 -7.14
CA ALA A 480 -19.53 27.02 -6.21
C ALA A 480 -19.00 25.78 -5.52
N ALA A 481 -18.29 24.94 -6.27
CA ALA A 481 -17.69 23.73 -5.70
C ALA A 481 -16.61 24.09 -4.66
N LEU A 482 -15.85 25.14 -4.95
CA LEU A 482 -14.81 25.58 -4.02
C LEU A 482 -15.42 26.07 -2.71
N ALA A 483 -16.53 26.81 -2.77
CA ALA A 483 -17.16 27.31 -1.54
C ALA A 483 -17.59 26.16 -0.63
N THR A 484 -18.32 25.18 -1.18
CA THR A 484 -18.81 24.09 -0.34
C THR A 484 -17.73 23.08 0.01
N PHE A 485 -16.67 23.00 -0.79
CA PHE A 485 -15.49 22.24 -0.40
C PHE A 485 -14.85 22.85 0.86
N ASN A 486 -14.64 24.16 0.82
CA ASN A 486 -14.01 24.85 1.94
C ASN A 486 -14.85 24.78 3.19
N SER A 487 -16.16 24.86 3.05
CA SER A 487 -17.00 24.88 4.22
C SER A 487 -17.44 23.50 4.68
N HIS A 488 -17.47 22.49 3.80
CA HIS A 488 -18.00 21.18 4.20
C HIS A 488 -17.08 19.98 3.98
N ASN A 489 -15.97 20.10 3.25
CA ASN A 489 -15.12 18.94 3.05
C ASN A 489 -13.89 18.98 3.96
N PRO A 490 -13.77 18.06 4.91
CA PRO A 490 -12.57 18.05 5.78
C PRO A 490 -11.24 17.98 5.03
N LEU A 491 -11.25 17.49 3.80
CA LEU A 491 -10.04 17.47 2.99
C LEU A 491 -9.44 18.85 2.78
N HIS A 492 -10.23 19.91 2.92
CA HIS A 492 -9.69 21.24 2.68
C HIS A 492 -8.61 21.61 3.69
N GLN A 493 -8.58 20.95 4.86
CA GLN A 493 -7.48 21.06 5.81
C GLN A 493 -6.13 20.64 5.21
N LEU A 494 -6.13 19.70 4.29
CA LEU A 494 -4.91 19.15 3.70
C LEU A 494 -4.60 19.68 2.31
N SER A 495 -5.63 20.02 1.52
CA SER A 495 -5.46 20.37 0.12
C SER A 495 -6.46 21.47 -0.26
N PRO A 496 -6.02 22.53 -0.91
CA PRO A 496 -6.97 23.39 -1.62
C PRO A 496 -7.55 22.66 -2.82
N LEU A 497 -8.81 22.93 -3.11
CA LEU A 497 -9.40 22.45 -4.35
C LEU A 497 -8.91 23.33 -5.50
N THR A 498 -8.05 22.80 -6.36
CA THR A 498 -7.66 23.50 -7.56
C THR A 498 -8.72 23.31 -8.66
N ASN A 499 -8.60 24.10 -9.71
CA ASN A 499 -9.40 23.94 -10.91
C ASN A 499 -8.71 23.07 -11.95
N MET A 500 -7.74 22.26 -11.54
CA MET A 500 -6.90 21.48 -12.46
C MET A 500 -7.28 20.01 -12.44
N GLY A 501 -7.79 19.52 -13.57
CA GLY A 501 -7.83 18.10 -13.82
C GLY A 501 -6.42 17.52 -13.85
N TYR A 502 -6.35 16.20 -13.76
CA TYR A 502 -5.08 15.54 -13.44
C TYR A 502 -3.99 15.86 -14.46
N PHE A 503 -4.35 16.00 -15.73
CA PHE A 503 -3.37 16.29 -16.77
C PHE A 503 -2.76 17.69 -16.58
N SER A 504 -3.60 18.68 -16.28
CA SER A 504 -3.12 20.03 -16.01
C SER A 504 -2.34 20.07 -14.70
N TYR A 505 -2.81 19.31 -13.71
CA TYR A 505 -2.14 19.24 -12.42
C TYR A 505 -0.76 18.61 -12.56
N ILE A 506 -0.62 17.64 -13.46
CA ILE A 506 0.69 17.05 -13.72
C ILE A 506 1.65 18.12 -14.23
N ILE A 507 1.18 18.98 -15.14
CA ILE A 507 2.05 20.03 -15.68
C ILE A 507 2.52 20.96 -14.55
N GLN A 508 1.58 21.36 -13.68
CA GLN A 508 1.88 22.32 -12.62
C GLN A 508 2.78 21.73 -11.53
N GLN A 509 2.48 20.51 -11.09
CA GLN A 509 3.29 19.83 -10.09
C GLN A 509 4.70 19.54 -10.61
N THR A 510 4.79 19.01 -11.82
CA THR A 510 6.10 18.71 -12.39
C THR A 510 6.94 19.98 -12.56
N THR A 511 6.31 21.09 -12.97
CA THR A 511 6.99 22.37 -13.01
C THR A 511 7.51 22.76 -11.62
N ALA A 512 6.70 22.56 -10.58
CA ALA A 512 7.13 22.87 -9.22
C ALA A 512 8.28 21.98 -8.78
N MET A 513 8.37 20.75 -9.31
CA MET A 513 9.43 19.83 -8.91
C MET A 513 10.81 20.33 -9.30
N PHE A 514 10.92 21.17 -10.33
CA PHE A 514 12.22 21.70 -10.73
C PHE A 514 12.82 22.59 -9.64
N SER A 515 12.01 23.13 -8.73
CA SER A 515 12.49 24.15 -7.81
C SER A 515 12.37 23.77 -6.33
N ARG A 516 11.94 22.56 -5.97
CA ARG A 516 12.05 22.02 -4.63
C ARG A 516 13.12 20.93 -4.56
N TYR A 517 13.80 20.84 -3.41
CA TYR A 517 14.78 19.78 -3.15
C TYR A 517 15.87 19.79 -4.20
N ASP A 518 16.22 20.99 -4.65
CA ASP A 518 17.22 21.20 -5.70
C ASP A 518 16.87 20.41 -6.96
N GLY A 519 15.57 20.19 -7.22
CA GLY A 519 15.12 19.53 -8.43
C GLY A 519 15.02 18.01 -8.36
N HIS A 520 15.35 17.41 -7.22
CA HIS A 520 15.58 15.97 -7.19
C HIS A 520 14.39 15.15 -7.68
N MET A 521 13.16 15.62 -7.45
CA MET A 521 12.03 14.80 -7.87
C MET A 521 11.95 14.69 -9.39
N ILE A 522 12.60 15.57 -10.16
CA ILE A 522 12.71 15.32 -11.60
C ILE A 522 13.60 14.09 -11.86
N GLN A 523 14.74 13.99 -11.18
CA GLN A 523 15.56 12.78 -11.27
C GLN A 523 14.76 11.54 -10.91
N ALA A 524 13.95 11.61 -9.86
CA ALA A 524 13.15 10.47 -9.48
C ALA A 524 12.18 10.08 -10.60
N LEU A 525 11.49 11.07 -11.18
CA LEU A 525 10.57 10.79 -12.26
C LEU A 525 11.30 10.14 -13.42
N LEU A 526 12.38 10.75 -13.87
CA LEU A 526 13.08 10.24 -15.04
C LEU A 526 13.58 8.82 -14.81
N GLY A 527 14.17 8.55 -13.65
CA GLY A 527 14.67 7.20 -13.41
C GLY A 527 13.54 6.18 -13.32
N ALA A 528 12.47 6.55 -12.65
CA ALA A 528 11.33 5.65 -12.55
C ALA A 528 10.70 5.37 -13.91
N HIS A 529 10.61 6.38 -14.77
CA HIS A 529 10.04 6.19 -16.09
C HIS A 529 10.88 5.19 -16.89
N PHE A 530 12.19 5.37 -16.90
CA PHE A 530 13.08 4.42 -17.55
C PHE A 530 12.83 2.98 -17.10
N ILE A 531 12.85 2.74 -15.78
CA ILE A 531 12.65 1.38 -15.29
C ILE A 531 11.28 0.85 -15.70
N TRP A 532 10.25 1.71 -15.61
CA TRP A 532 8.89 1.30 -15.99
C TRP A 532 8.88 0.83 -17.44
N ALA A 533 9.49 1.61 -18.33
CA ALA A 533 9.57 1.25 -19.73
C ALA A 533 10.25 -0.11 -19.90
N PHE A 534 11.31 -0.34 -19.16
CA PHE A 534 12.06 -1.58 -19.31
C PHE A 534 11.23 -2.79 -18.91
N THR A 535 10.28 -2.64 -17.96
CA THR A 535 9.45 -3.77 -17.60
C THR A 535 8.67 -4.30 -18.79
N PHE A 536 8.41 -3.48 -19.81
CA PHE A 536 7.73 -3.98 -20.99
C PHE A 536 8.49 -5.15 -21.60
N SER A 537 9.82 -5.06 -21.60
CA SER A 537 10.66 -6.10 -22.17
C SER A 537 10.51 -7.43 -21.42
N MET A 538 10.04 -7.39 -20.20
CA MET A 538 9.76 -8.57 -19.39
C MET A 538 8.29 -8.99 -19.42
N LEU A 539 7.37 -8.06 -19.66
CA LEU A 539 5.95 -8.36 -19.61
C LEU A 539 5.34 -8.63 -20.99
N PHE A 540 5.90 -8.10 -22.07
CA PHE A 540 5.42 -8.42 -23.40
C PHE A 540 5.65 -9.88 -23.74
N GLN A 541 4.89 -10.36 -24.73
CA GLN A 541 5.03 -11.70 -25.32
C GLN A 541 6.32 -11.81 -26.13
N TYR A 542 7.47 -11.73 -25.48
CA TYR A 542 8.73 -11.66 -26.21
C TYR A 542 9.87 -12.37 -25.48
N ARG A 543 9.56 -13.33 -24.62
CA ARG A 543 10.61 -13.95 -23.81
C ARG A 543 11.55 -14.78 -24.65
N GLY A 544 11.02 -15.53 -25.62
CA GLY A 544 11.89 -16.32 -26.48
C GLY A 544 12.87 -15.49 -27.26
N SER A 545 12.42 -14.35 -27.80
CA SER A 545 13.32 -13.42 -28.47
C SER A 545 14.54 -13.11 -27.60
N ARG A 546 14.28 -12.77 -26.32
CA ARG A 546 15.34 -12.38 -25.41
C ARG A 546 16.28 -13.53 -25.06
N ASP A 547 15.74 -14.74 -24.90
CA ASP A 547 16.59 -15.89 -24.57
C ASP A 547 17.54 -16.21 -25.73
N GLU A 548 17.06 -16.03 -26.95
CA GLU A 548 17.85 -16.24 -28.15
C GLU A 548 18.90 -15.14 -28.31
N GLY A 549 18.53 -13.89 -28.05
CA GLY A 549 19.48 -12.81 -28.18
C GLY A 549 20.52 -12.82 -27.06
N ALA A 550 20.12 -13.32 -25.89
CA ALA A 550 21.02 -13.38 -24.74
C ALA A 550 22.24 -14.26 -25.03
N MET A 551 22.10 -15.25 -25.91
CA MET A 551 23.22 -16.13 -26.23
C MET A 551 24.30 -15.39 -26.99
N VAL A 552 23.92 -14.40 -27.78
CA VAL A 552 24.89 -13.59 -28.51
C VAL A 552 25.65 -12.67 -27.55
N LEU A 553 24.94 -12.05 -26.61
CA LEU A 553 25.59 -11.19 -25.63
C LEU A 553 26.56 -11.99 -24.75
N LYS A 554 26.13 -13.14 -24.25
CA LYS A 554 27.02 -13.99 -23.44
C LYS A 554 28.24 -14.40 -24.24
N TRP A 555 28.02 -14.90 -25.46
CA TRP A 555 29.14 -15.28 -26.33
C TRP A 555 30.09 -14.11 -26.55
N ALA A 556 29.58 -12.91 -26.74
CA ALA A 556 30.47 -11.79 -27.02
C ALA A 556 31.33 -11.43 -25.82
N HIS A 557 30.72 -11.44 -24.64
CA HIS A 557 31.51 -11.21 -23.43
C HIS A 557 32.59 -12.28 -23.25
N GLN A 558 32.28 -13.54 -23.54
CA GLN A 558 33.29 -14.59 -23.37
C GLN A 558 34.42 -14.38 -24.37
N GLN A 559 34.10 -13.94 -25.59
CA GLN A 559 35.16 -13.80 -26.59
C GLN A 559 36.25 -12.86 -26.12
N VAL A 560 35.88 -11.79 -25.41
CA VAL A 560 36.85 -10.77 -25.00
C VAL A 560 37.41 -11.03 -23.62
N GLY A 561 37.01 -12.12 -22.97
CA GLY A 561 37.58 -12.52 -21.71
C GLY A 561 36.89 -11.97 -20.48
N VAL A 562 35.62 -11.57 -20.59
CA VAL A 562 34.88 -11.11 -19.42
C VAL A 562 33.60 -11.92 -19.27
N GLY A 563 33.76 -13.24 -19.25
CA GLY A 563 32.63 -14.12 -19.05
C GLY A 563 31.93 -13.94 -17.72
N PHE A 564 32.59 -13.35 -16.74
CA PHE A 564 31.93 -13.11 -15.47
C PHE A 564 30.83 -12.05 -15.63
N ALA A 565 30.99 -11.13 -16.58
CA ALA A 565 29.92 -10.18 -16.90
C ALA A 565 28.89 -10.80 -17.86
N GLY A 566 29.35 -11.57 -18.85
CA GLY A 566 28.41 -12.24 -19.74
C GLY A 566 27.42 -13.15 -19.03
N LYS A 567 27.75 -13.63 -17.83
CA LYS A 567 26.81 -14.45 -17.06
C LYS A 567 25.49 -13.73 -16.78
N MET A 568 25.49 -12.40 -16.86
CA MET A 568 24.25 -11.63 -16.80
C MET A 568 23.27 -12.08 -17.87
N TYR A 569 23.80 -12.65 -18.97
CA TYR A 569 23.00 -13.16 -20.07
C TYR A 569 23.17 -14.67 -20.24
N ASN A 570 23.39 -15.38 -19.13
CA ASN A 570 23.35 -16.85 -19.13
C ASN A 570 22.03 -17.35 -19.67
N ARG A 571 20.95 -16.64 -19.37
CA ARG A 571 19.65 -16.87 -20.00
C ARG A 571 18.80 -15.65 -19.73
N ALA A 572 17.71 -15.54 -20.49
CA ALA A 572 16.77 -14.49 -20.15
C ALA A 572 15.97 -14.93 -18.92
N LEU A 573 15.51 -13.95 -18.17
CA LEU A 573 14.50 -14.23 -17.17
C LEU A 573 13.38 -15.06 -17.80
N SER A 574 12.89 -16.04 -17.05
CA SER A 574 11.84 -16.93 -17.51
C SER A 574 10.50 -16.23 -17.49
N LEU A 575 9.49 -16.88 -18.09
CA LEU A 575 8.14 -16.32 -18.08
C LEU A 575 7.74 -15.97 -16.66
N LYS A 576 7.88 -16.92 -15.74
CA LYS A 576 7.45 -16.74 -14.36
C LYS A 576 8.23 -15.63 -13.64
N GLU A 577 9.56 -15.62 -13.81
CA GLU A 577 10.38 -14.61 -13.15
C GLU A 577 10.09 -13.23 -13.70
N GLY A 578 10.04 -13.13 -15.03
CA GLY A 578 9.83 -11.84 -15.66
C GLY A 578 8.47 -11.24 -15.37
N LYS A 579 7.46 -12.09 -15.17
CA LYS A 579 6.14 -11.58 -14.84
C LYS A 579 6.09 -11.07 -13.41
N ALA A 580 6.72 -11.79 -12.48
CA ALA A 580 6.78 -11.36 -11.08
C ALA A 580 7.57 -10.07 -10.92
N ILE A 581 8.75 -10.00 -11.52
CA ILE A 581 9.61 -8.82 -11.38
C ILE A 581 9.04 -7.65 -12.18
N GLY A 582 8.49 -7.95 -13.36
CA GLY A 582 7.90 -6.91 -14.17
C GLY A 582 6.70 -6.29 -13.51
N CYS A 583 5.85 -7.10 -12.90
CA CYS A 583 4.70 -6.55 -12.20
C CYS A 583 5.15 -5.73 -11.01
N PHE A 584 6.04 -6.27 -10.19
CA PHE A 584 6.55 -5.56 -9.02
C PHE A 584 7.08 -4.18 -9.41
N LEU A 585 7.97 -4.13 -10.41
CA LEU A 585 8.58 -2.87 -10.81
C LEU A 585 7.63 -1.93 -11.56
N PHE A 586 6.70 -2.48 -12.36
CA PHE A 586 5.73 -1.64 -13.06
C PHE A 586 4.89 -0.88 -12.05
N PHE A 587 4.41 -1.64 -11.11
CA PHE A 587 3.58 -1.14 -10.01
C PHE A 587 4.36 -0.11 -9.12
N LYS A 588 5.54 -0.47 -8.65
CA LYS A 588 6.29 0.40 -7.75
C LYS A 588 6.84 1.63 -8.46
N MET A 589 7.27 1.52 -9.71
CA MET A 589 7.73 2.72 -10.40
C MET A 589 6.58 3.71 -10.63
N THR A 590 5.37 3.22 -10.85
CA THR A 590 4.21 4.11 -10.88
C THR A 590 4.05 4.81 -9.53
N ILE A 591 4.17 4.04 -8.45
CA ILE A 591 4.05 4.62 -7.10
C ILE A 591 5.17 5.65 -6.85
N VAL A 592 6.39 5.42 -7.36
CA VAL A 592 7.48 6.39 -7.18
C VAL A 592 7.08 7.73 -7.81
N CYS A 593 6.49 7.68 -8.99
CA CYS A 593 6.08 8.88 -9.70
C CYS A 593 5.03 9.64 -8.89
N MET A 594 4.09 8.89 -8.30
CA MET A 594 3.05 9.50 -7.48
C MET A 594 3.65 10.05 -6.20
N TRP A 595 4.67 9.37 -5.67
CA TRP A 595 5.41 9.88 -4.52
C TRP A 595 6.05 11.24 -4.82
N ALA A 596 6.61 11.42 -6.01
CA ALA A 596 7.07 12.76 -6.43
C ALA A 596 5.98 13.80 -6.29
N LEU A 597 4.77 13.47 -6.74
CA LEU A 597 3.63 14.36 -6.58
C LEU A 597 3.31 14.61 -5.12
N ALA A 598 3.53 13.63 -4.26
CA ALA A 598 3.31 13.81 -2.82
C ALA A 598 4.40 14.64 -2.13
N MET A 599 5.52 14.86 -2.80
CA MET A 599 6.64 15.59 -2.21
C MET A 599 6.57 17.09 -2.46
N VAL A 600 5.81 17.52 -3.45
CA VAL A 600 5.58 18.92 -3.73
C VAL A 600 4.10 19.31 -3.55
N TYR B 1 31.60 15.62 -0.13
CA TYR B 1 30.79 15.85 -1.33
C TYR B 1 31.59 16.51 -2.44
N SER B 2 32.88 16.18 -2.45
CA SER B 2 33.81 16.55 -3.50
C SER B 2 33.55 15.68 -4.74
N PRO B 3 34.10 16.06 -5.90
CA PRO B 3 33.89 15.22 -7.09
C PRO B 3 34.31 13.76 -6.90
N THR B 4 35.40 13.51 -6.18
CA THR B 4 35.90 12.14 -6.03
C THR B 4 35.03 11.35 -5.06
N PHE B 5 34.65 11.96 -3.94
CA PHE B 5 33.65 11.36 -3.07
C PHE B 5 32.37 10.99 -3.85
N ASN B 6 31.88 11.90 -4.70
CA ASN B 6 30.57 11.74 -5.32
C ASN B 6 30.61 10.68 -6.43
N VAL B 7 31.64 10.70 -7.28
CA VAL B 7 31.82 9.65 -8.27
C VAL B 7 31.98 8.29 -7.58
N ALA B 8 32.81 8.23 -6.53
CA ALA B 8 33.01 6.98 -5.79
C ALA B 8 31.69 6.40 -5.31
N HIS B 9 30.86 7.23 -4.68
CA HIS B 9 29.61 6.73 -4.12
C HIS B 9 28.58 6.40 -5.20
N ILE B 10 28.56 7.15 -6.29
CA ILE B 10 27.74 6.79 -7.45
C ILE B 10 28.13 5.39 -7.96
N LEU B 11 29.43 5.18 -8.17
CA LEU B 11 29.89 3.86 -8.60
C LEU B 11 29.50 2.78 -7.61
N ALA B 12 29.44 3.11 -6.32
CA ALA B 12 29.01 2.13 -5.31
C ALA B 12 27.55 1.71 -5.54
N PHE B 13 26.66 2.67 -5.77
CA PHE B 13 25.27 2.34 -6.10
C PHE B 13 25.20 1.49 -7.37
N PHE B 14 25.96 1.87 -8.39
CA PHE B 14 26.00 1.13 -9.66
C PHE B 14 26.37 -0.33 -9.42
N PHE B 15 27.56 -0.58 -8.86
CA PHE B 15 28.01 -1.95 -8.66
C PHE B 15 27.01 -2.74 -7.84
N LEU B 16 26.39 -2.09 -6.85
CA LEU B 16 25.45 -2.77 -5.96
C LEU B 16 24.19 -3.20 -6.71
N PHE B 17 23.51 -2.25 -7.38
CA PHE B 17 22.28 -2.59 -8.09
C PHE B 17 22.54 -3.60 -9.22
N LEU B 18 23.73 -3.55 -9.83
CA LEU B 18 24.05 -4.42 -10.96
C LEU B 18 23.98 -5.91 -10.58
N HIS B 19 24.11 -6.25 -9.30
CA HIS B 19 24.08 -7.64 -8.87
C HIS B 19 22.67 -8.20 -8.72
N ILE B 20 21.64 -7.33 -8.81
CA ILE B 20 20.26 -7.81 -8.61
C ILE B 20 19.89 -8.83 -9.66
N PRO B 21 20.13 -8.67 -10.94
CA PRO B 21 19.70 -9.68 -11.91
C PRO B 21 20.46 -11.00 -11.79
N PHE B 22 21.73 -10.97 -11.37
CA PHE B 22 22.48 -12.22 -11.16
C PHE B 22 21.73 -13.16 -10.23
N TYR B 23 21.02 -12.62 -9.24
CA TYR B 23 20.27 -13.45 -8.31
C TYR B 23 19.22 -14.32 -9.00
N PHE B 24 18.69 -13.87 -10.15
CA PHE B 24 17.68 -14.63 -10.89
C PHE B 24 18.27 -15.36 -12.09
N VAL B 25 18.99 -14.65 -12.94
CA VAL B 25 19.60 -15.25 -14.12
C VAL B 25 20.59 -16.33 -13.68
#